data_4BQH
#
_entry.id   4BQH
#
_cell.length_a   59.930
_cell.length_b   103.000
_cell.length_c   187.140
_cell.angle_alpha   90.00
_cell.angle_beta   90.00
_cell.angle_gamma   90.00
#
_symmetry.space_group_name_H-M   'C 2 2 21'
#
loop_
_entity.id
_entity.type
_entity.pdbx_description
1 polymer 'UDP-N-ACETYLGLUCOSAMINE PYROPHOSPHORYLASE'
2 non-polymer 'SULFATE ION'
3 non-polymer (3S)-3-[2-(1,3-benzodioxol-5-yl)-2-oxidanylidene-ethyl]-4-bromanyl-5-methyl-3-oxidanyl-1H-indol-2-one
4 water water
#
_entity_poly.entity_id   1
_entity_poly.type   'polypeptide(L)'
_entity_poly.pdbx_seq_one_letter_code
;PLGSMSDRDVCIQRLTGANQDHILTALEHGSEAERASLTAQITNELAGVDFRHFNDVLRESLEISKNCSTASLAEPPAKD
SFFDISSVDRRRGQAKRIKNLEAVGYKAIQKGQIAFLILAGGSGTRLGFDKPKGFFTCDGLQQRKSLFMMHCEKIRRRQE
IAESISGSGRKARVQLLVMTSGQNDAETQRFFEENSYFGLEREQVHFFAQSSVPCYDENTGRIIMENRGRICAAPGGNGA
VFAALAAPRATKDKDGTLQVKESLLQHLRKLGIAYVQIGNIDNLLANVADPVFIGYAIEEEAHVVVKTCPKRGPDERVGV
FVRASGKWGVVEYTEIGDRAKEIDDATGELKFNCANISSNLCSLHFMSLAAERMKSFTQYHAARKKIPTIKGPVMGIKLE
AFLFDLFRFVDECDHPPKDSGAFRIMQVDRDDEFGPVKNADGAASDTPADAVRLLLSQHTRWLITALETAAMSDEQESIR
GGVDVTEAKEAVAVMRSCSIKAEISPLVSVGGEGLRQHLPRVIHQLLRNPPPVIFIRRDDEVVSESSNM
;
_entity_poly.pdbx_strand_id   A
#
loop_
_chem_comp.id
_chem_comp.type
_chem_comp.name
_chem_comp.formula
9VU non-polymer (3S)-3-[2-(1,3-benzodioxol-5-yl)-2-oxidanylidene-ethyl]-4-bromanyl-5-methyl-3-oxidanyl-1H-indol-2-one 'C18 H14 Br N O5'
SO4 non-polymer 'SULFATE ION' 'O4 S -2'
#
# COMPACT_ATOMS: atom_id res chain seq x y z
N PRO A 1 22.13 -19.33 25.56
CA PRO A 1 23.13 -19.89 26.47
C PRO A 1 24.05 -20.90 25.79
N LEU A 2 23.54 -21.61 24.78
CA LEU A 2 24.36 -22.59 24.05
C LEU A 2 25.11 -21.96 22.85
N GLY A 3 25.12 -20.64 22.79
CA GLY A 3 25.90 -19.91 21.78
C GLY A 3 25.27 -19.92 20.39
N SER A 4 26.06 -19.56 19.39
CA SER A 4 25.46 -19.32 18.08
C SER A 4 25.32 -20.61 17.27
N MET A 5 24.23 -20.68 16.51
CA MET A 5 23.93 -21.84 15.70
C MET A 5 24.03 -21.49 14.23
N SER A 6 24.43 -22.45 13.41
CA SER A 6 24.50 -22.22 11.97
C SER A 6 23.08 -22.04 11.44
N ASP A 7 22.97 -21.31 10.32
CA ASP A 7 21.67 -21.15 9.63
C ASP A 7 21.00 -22.50 9.46
N ARG A 8 21.76 -23.51 9.01
CA ARG A 8 21.20 -24.83 8.73
C ARG A 8 20.67 -25.48 9.98
N ASP A 9 21.40 -25.37 11.07
CA ASP A 9 20.93 -25.97 12.34
C ASP A 9 19.66 -25.28 12.85
N VAL A 10 19.55 -23.96 12.65
CA VAL A 10 18.33 -23.21 12.99
C VAL A 10 17.17 -23.74 12.15
N CYS A 11 17.40 -23.91 10.84
CA CYS A 11 16.35 -24.48 9.97
C CYS A 11 15.94 -25.85 10.43
N ILE A 12 16.92 -26.70 10.77
CA ILE A 12 16.61 -28.03 11.27
C ILE A 12 15.74 -27.99 12.52
N GLN A 13 16.05 -27.07 13.45
CA GLN A 13 15.25 -26.88 14.66
C GLN A 13 13.84 -26.44 14.29
N ARG A 14 13.75 -25.48 13.37
CA ARG A 14 12.43 -25.00 12.92
C ARG A 14 11.57 -26.07 12.29
N LEU A 15 12.17 -27.06 11.62
CA LEU A 15 11.40 -28.13 10.96
C LEU A 15 11.23 -29.41 11.78
N THR A 16 11.90 -29.50 12.92
CA THR A 16 11.75 -30.67 13.79
C THR A 16 10.37 -30.69 14.44
N GLY A 17 9.64 -31.79 14.28
CA GLY A 17 8.31 -31.95 14.89
C GLY A 17 7.22 -31.17 14.16
N ALA A 18 7.52 -30.71 12.95
CA ALA A 18 6.59 -29.89 12.15
C ALA A 18 5.69 -30.63 11.15
N ASN A 19 5.73 -31.97 11.19
CA ASN A 19 4.94 -32.80 10.27
C ASN A 19 5.28 -32.54 8.81
N GLN A 20 6.52 -32.14 8.55
CA GLN A 20 6.97 -31.87 7.19
C GLN A 20 8.33 -32.56 7.00
N ASP A 21 8.37 -33.84 7.36
CA ASP A 21 9.66 -34.53 7.51
C ASP A 21 10.48 -34.66 6.22
N HIS A 22 9.81 -34.60 5.07
CA HIS A 22 10.53 -34.65 3.78
C HIS A 22 11.46 -33.45 3.61
N ILE A 23 11.08 -32.30 4.17
CA ILE A 23 11.96 -31.12 4.14
C ILE A 23 13.13 -31.30 5.11
N LEU A 24 12.83 -31.83 6.29
CA LEU A 24 13.84 -32.06 7.32
C LEU A 24 14.90 -32.99 6.74
N THR A 25 14.44 -34.03 6.04
CA THR A 25 15.30 -35.00 5.34
C THR A 25 16.23 -34.33 4.33
N ALA A 26 15.65 -33.47 3.49
CA ALA A 26 16.45 -32.70 2.54
C ALA A 26 17.51 -31.87 3.28
N LEU A 27 17.13 -31.16 4.34
CA LEU A 27 18.11 -30.36 5.12
C LEU A 27 19.25 -31.15 5.78
N GLU A 28 18.96 -32.37 6.21
CA GLU A 28 19.93 -33.19 6.95
C GLU A 28 20.77 -34.08 6.04
N HIS A 29 20.15 -34.60 4.97
CA HIS A 29 20.76 -35.63 4.13
C HIS A 29 20.76 -35.34 2.67
N GLY A 30 20.43 -34.11 2.28
CA GLY A 30 20.52 -33.71 0.87
C GLY A 30 21.96 -33.40 0.48
N SER A 31 22.17 -33.08 -0.80
CA SER A 31 23.49 -32.65 -1.29
C SER A 31 23.90 -31.32 -0.67
N GLU A 32 25.20 -31.04 -0.65
CA GLU A 32 25.72 -29.77 -0.14
C GLU A 32 24.96 -28.56 -0.70
N ALA A 33 24.80 -28.52 -2.01
CA ALA A 33 24.17 -27.39 -2.68
C ALA A 33 22.68 -27.32 -2.35
N GLU A 34 22.06 -28.48 -2.16
CA GLU A 34 20.63 -28.56 -1.87
C GLU A 34 20.38 -28.09 -0.46
N ARG A 35 21.16 -28.63 0.46
CA ARG A 35 21.10 -28.25 1.87
C ARG A 35 21.26 -26.74 1.99
N ALA A 36 22.23 -26.19 1.25
CA ALA A 36 22.51 -24.76 1.33
C ALA A 36 21.39 -23.88 0.72
N SER A 37 20.84 -24.27 -0.43
CA SER A 37 19.83 -23.39 -1.02
C SER A 37 18.52 -23.47 -0.22
N LEU A 38 18.19 -24.66 0.28
CA LEU A 38 17.01 -24.82 1.10
C LEU A 38 17.15 -24.03 2.39
N THR A 39 18.35 -24.08 2.99
CA THR A 39 18.67 -23.28 4.16
C THR A 39 18.51 -21.76 3.88
N ALA A 40 19.05 -21.29 2.76
CA ALA A 40 18.98 -19.87 2.44
C ALA A 40 17.51 -19.47 2.28
N GLN A 41 16.73 -20.31 1.62
CA GLN A 41 15.31 -19.98 1.38
C GLN A 41 14.55 -19.90 2.69
N ILE A 42 14.65 -20.94 3.52
CA ILE A 42 13.87 -20.98 4.76
C ILE A 42 14.32 -19.86 5.71
N THR A 43 15.62 -19.55 5.69
CA THR A 43 16.19 -18.46 6.49
C THR A 43 15.81 -17.04 6.04
N ASN A 44 15.98 -16.77 4.74
CA ASN A 44 15.88 -15.43 4.18
C ASN A 44 14.55 -15.09 3.55
N GLU A 45 13.83 -16.12 3.09
CA GLU A 45 12.56 -15.89 2.37
C GLU A 45 11.36 -16.32 3.19
N LEU A 46 11.57 -17.22 4.14
CA LEU A 46 10.49 -17.66 5.05
C LEU A 46 10.85 -17.41 6.53
N ALA A 47 11.62 -16.35 6.77
CA ALA A 47 12.01 -15.98 8.12
C ALA A 47 10.78 -15.89 9.03
N GLY A 48 10.86 -16.50 10.20
CA GLY A 48 9.82 -16.37 11.21
C GLY A 48 8.62 -17.27 11.02
N VAL A 49 8.45 -17.87 9.82
CA VAL A 49 7.31 -18.75 9.54
C VAL A 49 7.30 -19.94 10.49
N ASP A 50 6.14 -20.17 11.10
CA ASP A 50 5.96 -21.26 12.04
C ASP A 50 5.30 -22.41 11.27
N PHE A 51 6.10 -23.42 10.93
CA PHE A 51 5.61 -24.48 10.04
C PHE A 51 4.49 -25.30 10.66
N ARG A 52 4.57 -25.60 11.97
CA ARG A 52 3.45 -26.30 12.62
C ARG A 52 2.15 -25.49 12.55
N HIS A 53 2.25 -24.20 12.85
CA HIS A 53 1.11 -23.30 12.75
C HIS A 53 0.53 -23.35 11.36
N PHE A 54 1.37 -23.36 10.33
CA PHE A 54 0.82 -23.39 8.98
C PHE A 54 0.09 -24.66 8.56
N ASN A 55 0.43 -25.79 9.19
CA ASN A 55 -0.42 -26.99 9.02
C ASN A 55 -1.85 -26.72 9.48
N ASP A 56 -2.00 -26.03 10.61
CA ASP A 56 -3.34 -25.67 11.10
C ASP A 56 -4.00 -24.67 10.17
N VAL A 57 -3.22 -23.75 9.64
CA VAL A 57 -3.73 -22.75 8.70
C VAL A 57 -4.29 -23.48 7.48
N LEU A 58 -3.52 -24.42 6.95
CA LEU A 58 -3.97 -25.14 5.75
C LEU A 58 -5.27 -25.87 6.03
N ARG A 59 -5.31 -26.57 7.16
CA ARG A 59 -6.47 -27.38 7.50
C ARG A 59 -7.74 -26.54 7.59
N GLU A 60 -7.67 -25.44 8.33
CA GLU A 60 -8.81 -24.57 8.55
C GLU A 60 -9.20 -23.83 7.28
N SER A 61 -8.19 -23.31 6.57
CA SER A 61 -8.46 -22.57 5.34
C SER A 61 -9.15 -23.44 4.29
N LEU A 62 -8.77 -24.71 4.21
CA LEU A 62 -9.46 -25.65 3.32
C LEU A 62 -10.92 -25.84 3.73
N GLU A 63 -11.18 -26.02 5.02
CA GLU A 63 -12.57 -26.16 5.54
C GLU A 63 -13.48 -24.97 5.18
N ILE A 64 -12.95 -23.76 5.38
CA ILE A 64 -13.65 -22.51 5.13
C ILE A 64 -14.06 -22.32 3.66
N SER A 65 -13.19 -22.74 2.75
CA SER A 65 -13.46 -22.58 1.32
C SER A 65 -14.48 -23.62 0.80
N LYS A 66 -15.19 -24.27 1.72
CA LYS A 66 -16.23 -25.25 1.39
C LYS A 66 -17.60 -24.89 1.95
N SER A 72 -23.68 -14.67 4.43
CA SER A 72 -25.03 -14.10 4.39
C SER A 72 -25.27 -13.17 5.56
N LEU A 73 -24.34 -13.13 6.50
CA LEU A 73 -24.44 -12.24 7.65
C LEU A 73 -24.01 -10.80 7.28
N ALA A 74 -23.42 -10.63 6.09
CA ALA A 74 -22.77 -9.36 5.72
C ALA A 74 -23.81 -8.26 5.50
N GLU A 75 -23.57 -7.08 6.07
CA GLU A 75 -24.38 -5.89 5.83
C GLU A 75 -23.50 -4.80 5.25
N PRO A 76 -24.09 -3.94 4.40
CA PRO A 76 -23.32 -2.81 3.90
C PRO A 76 -23.15 -1.73 4.97
N PRO A 77 -22.14 -0.83 4.79
CA PRO A 77 -22.07 0.37 5.60
C PRO A 77 -23.41 1.10 5.53
N ALA A 78 -23.92 1.58 6.65
CA ALA A 78 -25.21 2.27 6.63
C ALA A 78 -25.13 3.49 5.70
N LYS A 79 -26.20 3.72 4.96
CA LYS A 79 -26.31 4.91 4.11
C LYS A 79 -25.91 6.13 4.91
N ASP A 80 -25.13 7.02 4.31
CA ASP A 80 -24.70 8.28 4.93
C ASP A 80 -23.90 8.12 6.24
N SER A 81 -23.33 6.95 6.51
CA SER A 81 -22.60 6.71 7.79
C SER A 81 -21.08 6.96 7.80
N PHE A 82 -20.49 7.16 6.62
CA PHE A 82 -19.04 7.26 6.49
C PHE A 82 -18.68 8.58 5.83
N PHE A 83 -17.43 9.01 5.98
CA PHE A 83 -16.97 10.27 5.39
C PHE A 83 -16.84 10.04 3.89
N ASP A 84 -17.61 10.78 3.11
CA ASP A 84 -17.65 10.59 1.66
C ASP A 84 -17.18 11.87 0.95
N ILE A 85 -15.99 11.80 0.39
CA ILE A 85 -15.44 12.92 -0.38
C ILE A 85 -15.20 12.51 -1.84
N SER A 86 -16.09 11.67 -2.37
CA SER A 86 -15.84 10.93 -3.61
C SER A 86 -16.17 11.70 -4.90
N SER A 87 -16.61 12.95 -4.77
CA SER A 87 -16.77 13.82 -5.96
C SER A 87 -16.51 15.29 -5.67
N VAL A 88 -16.31 16.09 -6.73
CA VAL A 88 -16.14 17.54 -6.60
C VAL A 88 -17.26 18.15 -5.74
N ASP A 89 -18.50 17.76 -6.02
CA ASP A 89 -19.68 18.30 -5.33
C ASP A 89 -19.73 17.93 -3.85
N ARG A 90 -19.37 16.70 -3.53
CA ARG A 90 -19.33 16.29 -2.12
C ARG A 90 -18.20 16.98 -1.36
N ARG A 91 -17.11 17.30 -2.04
CA ARG A 91 -16.03 18.01 -1.39
C ARG A 91 -16.36 19.50 -1.19
N ARG A 92 -17.09 20.09 -2.12
CA ARG A 92 -17.50 21.50 -1.98
C ARG A 92 -18.37 21.72 -0.74
N GLY A 93 -19.36 20.84 -0.55
CA GLY A 93 -20.29 20.93 0.58
C GLY A 93 -19.63 20.72 1.94
N GLN A 94 -18.41 20.17 1.92
CA GLN A 94 -17.69 19.82 3.15
C GLN A 94 -16.34 20.49 3.24
N ALA A 95 -16.20 21.61 2.53
CA ALA A 95 -14.90 22.24 2.35
C ALA A 95 -14.21 22.60 3.67
N LYS A 96 -14.95 23.17 4.62
CA LYS A 96 -14.36 23.57 5.89
C LYS A 96 -13.85 22.35 6.68
N ARG A 97 -14.67 21.31 6.72
CA ARG A 97 -14.32 20.09 7.45
C ARG A 97 -13.05 19.48 6.87
N ILE A 98 -12.98 19.42 5.53
CA ILE A 98 -11.78 18.91 4.85
C ILE A 98 -10.53 19.73 5.19
N LYS A 99 -10.65 21.06 5.13
CA LYS A 99 -9.54 21.93 5.47
C LYS A 99 -9.11 21.76 6.92
N ASN A 100 -10.09 21.61 7.81
CA ASN A 100 -9.76 21.44 9.22
C ASN A 100 -9.06 20.10 9.51
N LEU A 101 -9.52 19.03 8.84
CA LEU A 101 -8.90 17.72 9.00
C LEU A 101 -7.47 17.76 8.45
N GLU A 102 -7.32 18.43 7.32
CA GLU A 102 -6.01 18.56 6.68
C GLU A 102 -4.98 19.22 7.62
N ALA A 103 -5.39 20.29 8.30
CA ALA A 103 -4.51 20.96 9.28
C ALA A 103 -4.09 20.01 10.42
N VAL A 104 -5.03 19.19 10.91
CA VAL A 104 -4.73 18.19 11.94
C VAL A 104 -3.68 17.18 11.42
N GLY A 105 -3.89 16.73 10.19
CA GLY A 105 -2.94 15.79 9.57
C GLY A 105 -1.55 16.38 9.44
N TYR A 106 -1.47 17.65 9.01
CA TYR A 106 -0.15 18.28 8.91
C TYR A 106 0.57 18.45 10.25
N LYS A 107 -0.17 18.71 11.33
CA LYS A 107 0.47 18.80 12.64
C LYS A 107 1.09 17.44 12.98
N ALA A 108 0.39 16.35 12.68
CA ALA A 108 0.93 15.02 13.00
C ALA A 108 2.16 14.69 12.15
N ILE A 109 2.15 15.10 10.88
CA ILE A 109 3.36 14.93 10.05
C ILE A 109 4.55 15.70 10.65
N GLN A 110 4.30 16.94 11.05
CA GLN A 110 5.36 17.79 11.65
C GLN A 110 5.94 17.15 12.92
N LYS A 111 5.05 16.56 13.72
CA LYS A 111 5.42 15.94 14.99
C LYS A 111 6.19 14.65 14.81
N GLY A 112 6.35 14.18 13.56
CA GLY A 112 7.10 12.94 13.30
C GLY A 112 6.33 11.68 13.67
N GLN A 113 5.00 11.79 13.71
CA GLN A 113 4.14 10.69 14.14
C GLN A 113 3.70 9.76 13.01
N ILE A 114 4.09 10.06 11.77
CA ILE A 114 3.55 9.29 10.62
C ILE A 114 4.61 8.44 9.93
N ALA A 115 4.28 7.17 9.68
CA ALA A 115 5.10 6.32 8.81
C ALA A 115 4.27 5.95 7.59
N PHE A 116 4.93 5.77 6.46
CA PHE A 116 4.27 5.26 5.25
C PHE A 116 4.95 3.94 4.89
N LEU A 117 4.15 2.87 4.80
CA LEU A 117 4.68 1.53 4.53
C LEU A 117 4.36 1.22 3.07
N ILE A 118 5.40 1.13 2.23
CA ILE A 118 5.18 0.78 0.82
C ILE A 118 5.27 -0.73 0.63
N LEU A 119 4.22 -1.36 0.09
CA LEU A 119 4.27 -2.80 -0.21
C LEU A 119 5.07 -2.97 -1.50
N ALA A 120 6.26 -3.56 -1.35
CA ALA A 120 7.28 -3.53 -2.39
C ALA A 120 7.87 -4.90 -2.71
N GLY A 121 7.05 -5.94 -2.55
CA GLY A 121 7.51 -7.30 -2.76
C GLY A 121 7.32 -7.80 -4.18
N GLY A 122 6.50 -7.09 -4.96
CA GLY A 122 6.14 -7.58 -6.31
C GLY A 122 7.09 -7.11 -7.39
N SER A 123 7.21 -7.93 -8.44
CA SER A 123 8.01 -7.58 -9.60
C SER A 123 7.17 -6.91 -10.68
N GLY A 124 7.85 -6.37 -11.69
CA GLY A 124 7.19 -5.78 -12.84
C GLY A 124 7.07 -6.76 -13.99
N THR A 125 7.16 -8.06 -13.72
CA THR A 125 7.18 -9.05 -14.81
C THR A 125 5.99 -8.98 -15.78
N ARG A 126 4.78 -8.75 -15.26
CA ARG A 126 3.57 -8.58 -16.08
C ARG A 126 3.66 -7.36 -16.98
N LEU A 127 4.41 -6.35 -16.54
CA LEU A 127 4.67 -5.14 -17.33
C LEU A 127 5.80 -5.34 -18.33
N GLY A 128 6.34 -6.56 -18.40
CA GLY A 128 7.52 -6.86 -19.22
C GLY A 128 8.84 -6.39 -18.63
N PHE A 129 8.88 -6.23 -17.31
CA PHE A 129 10.01 -5.64 -16.61
CA PHE A 129 10.06 -5.72 -16.66
C PHE A 129 10.43 -6.50 -15.41
N ASP A 130 11.49 -7.30 -15.57
CA ASP A 130 11.93 -8.26 -14.54
C ASP A 130 12.78 -7.66 -13.43
N LYS A 131 12.29 -6.56 -12.88
CA LYS A 131 12.89 -5.89 -11.74
C LYS A 131 11.74 -5.60 -10.77
N PRO A 132 12.04 -5.13 -9.54
CA PRO A 132 10.93 -4.81 -8.63
C PRO A 132 10.06 -3.73 -9.23
N LYS A 133 8.75 -3.80 -8.97
CA LYS A 133 7.83 -2.85 -9.58
C LYS A 133 8.14 -1.38 -9.28
N GLY A 134 8.68 -1.11 -8.09
CA GLY A 134 9.04 0.27 -7.74
C GLY A 134 10.09 0.90 -8.66
N PHE A 135 10.84 0.06 -9.37
CA PHE A 135 11.84 0.56 -10.34
C PHE A 135 11.18 1.06 -11.61
N PHE A 136 9.93 0.65 -11.84
CA PHE A 136 9.24 0.91 -13.13
C PHE A 136 9.07 2.39 -13.43
N THR A 137 9.37 2.76 -14.67
CA THR A 137 9.21 4.14 -15.16
C THR A 137 8.12 4.17 -16.22
N CYS A 138 7.06 4.92 -15.96
CA CYS A 138 5.97 5.04 -16.92
C CYS A 138 6.38 5.87 -18.13
N ASP A 139 6.11 5.33 -19.32
CA ASP A 139 6.18 6.10 -20.55
C ASP A 139 5.02 7.07 -20.57
N GLY A 140 5.18 8.14 -21.33
CA GLY A 140 4.11 9.09 -21.45
C GLY A 140 4.22 10.23 -20.45
N LEU A 141 5.24 10.17 -19.60
CA LEU A 141 5.51 11.27 -18.68
C LEU A 141 6.81 11.93 -19.05
N GLN A 142 6.81 13.26 -19.03
CA GLN A 142 8.01 14.03 -19.23
C GLN A 142 9.00 13.88 -18.08
N GLN A 143 8.48 13.60 -16.88
CA GLN A 143 9.35 13.28 -15.77
C GLN A 143 9.84 11.89 -16.10
N ARG A 144 11.08 11.57 -15.86
CA ARG A 144 11.45 10.20 -16.17
C ARG A 144 11.79 9.57 -14.85
N LYS A 145 10.74 9.35 -14.06
CA LYS A 145 10.94 8.97 -12.66
C LYS A 145 10.32 7.60 -12.42
N SER A 146 11.03 6.78 -11.64
CA SER A 146 10.49 5.51 -11.16
C SER A 146 9.29 5.71 -10.22
N LEU A 147 8.51 4.66 -10.03
CA LEU A 147 7.46 4.70 -9.04
C LEU A 147 8.04 5.00 -7.64
N PHE A 148 9.16 4.38 -7.26
CA PHE A 148 9.80 4.71 -5.97
C PHE A 148 10.10 6.21 -5.87
N MET A 149 10.69 6.78 -6.92
CA MET A 149 11.08 8.17 -6.88
C MET A 149 9.90 9.09 -6.65
N MET A 150 8.79 8.84 -7.35
CA MET A 150 7.60 9.69 -7.19
C MET A 150 6.99 9.55 -5.78
N HIS A 151 6.99 8.35 -5.22
CA HIS A 151 6.57 8.18 -3.82
C HIS A 151 7.39 9.01 -2.87
N CYS A 152 8.71 8.99 -3.03
CA CYS A 152 9.59 9.74 -2.13
C CYS A 152 9.44 11.25 -2.28
N GLU A 153 9.21 11.71 -3.51
CA GLU A 153 9.00 13.11 -3.75
C GLU A 153 7.68 13.58 -3.15
N LYS A 154 6.65 12.72 -3.15
CA LYS A 154 5.41 13.07 -2.48
C LYS A 154 5.65 13.25 -0.97
N ILE A 155 6.47 12.39 -0.38
CA ILE A 155 6.77 12.52 1.05
C ILE A 155 7.49 13.83 1.29
N ARG A 156 8.50 14.11 0.47
CA ARG A 156 9.26 15.39 0.62
C ARG A 156 8.35 16.60 0.53
N ARG A 157 7.42 16.60 -0.41
CA ARG A 157 6.50 17.72 -0.55
C ARG A 157 5.55 17.88 0.65
N ARG A 158 4.97 16.77 1.10
CA ARG A 158 4.10 16.79 2.28
C ARG A 158 4.88 17.31 3.53
N GLN A 159 6.14 16.89 3.66
CA GLN A 159 7.00 17.32 4.78
C GLN A 159 7.23 18.82 4.71
N GLU A 160 7.51 19.30 3.51
CA GLU A 160 7.72 20.74 3.26
C GLU A 160 6.48 21.57 3.59
N ILE A 161 5.29 21.10 3.20
CA ILE A 161 4.05 21.83 3.53
C ILE A 161 3.80 21.84 5.05
N ALA A 162 4.00 20.70 5.71
CA ALA A 162 3.85 20.62 7.17
C ALA A 162 4.73 21.69 7.85
N GLU A 163 5.97 21.83 7.37
CA GLU A 163 6.95 22.80 7.92
C GLU A 163 6.51 24.25 7.69
N SER A 164 5.96 24.50 6.49
CA SER A 164 5.47 25.83 6.14
C SER A 164 4.31 26.26 7.04
N ILE A 165 3.46 25.30 7.43
CA ILE A 165 2.32 25.59 8.29
C ILE A 165 2.75 25.79 9.75
N SER A 166 3.66 24.95 10.23
CA SER A 166 4.05 25.01 11.65
C SER A 166 4.94 26.20 12.01
N GLY A 167 5.83 26.57 11.11
CA GLY A 167 6.86 27.58 11.41
C GLY A 167 7.90 27.06 12.38
N SER A 168 7.93 25.74 12.57
CA SER A 168 8.80 25.10 13.54
C SER A 168 10.26 25.08 13.06
N GLY A 169 11.20 25.08 13.99
CA GLY A 169 12.61 24.92 13.63
C GLY A 169 12.98 23.48 13.32
N ARG A 170 12.03 22.57 13.58
CA ARG A 170 12.27 21.13 13.46
C ARG A 170 11.83 20.59 12.10
N LYS A 171 12.57 19.61 11.60
CA LYS A 171 12.27 19.01 10.31
C LYS A 171 11.07 18.10 10.49
N ALA A 172 10.17 18.12 9.51
CA ALA A 172 9.01 17.21 9.50
C ALA A 172 9.52 15.95 8.83
N ARG A 173 9.34 14.79 9.48
CA ARG A 173 9.88 13.55 8.92
C ARG A 173 8.84 12.43 8.94
N VAL A 174 8.50 11.96 7.76
CA VAL A 174 7.66 10.76 7.63
C VAL A 174 8.63 9.55 7.51
N GLN A 175 8.52 8.56 8.40
CA GLN A 175 9.37 7.36 8.27
C GLN A 175 8.86 6.53 7.10
N LEU A 176 9.77 6.15 6.19
CA LEU A 176 9.41 5.37 5.03
C LEU A 176 9.82 3.92 5.31
N LEU A 177 8.84 3.03 5.23
CA LEU A 177 9.07 1.61 5.48
C LEU A 177 8.89 0.90 4.16
N VAL A 178 9.95 0.30 3.64
CA VAL A 178 9.88 -0.32 2.32
C VAL A 178 9.83 -1.84 2.53
N MET A 179 8.67 -2.45 2.25
CA MET A 179 8.52 -3.87 2.53
C MET A 179 8.89 -4.69 1.31
N THR A 180 10.11 -5.22 1.35
CA THR A 180 10.70 -5.91 0.22
C THR A 180 10.29 -7.39 0.26
N SER A 181 10.77 -8.16 -0.72
CA SER A 181 10.80 -9.61 -0.58
C SER A 181 12.21 -10.04 -0.16
N GLY A 182 12.32 -11.27 0.36
CA GLY A 182 13.63 -11.82 0.67
C GLY A 182 14.52 -11.75 -0.55
N GLN A 183 13.97 -12.08 -1.70
CA GLN A 183 14.77 -12.11 -2.92
C GLN A 183 15.12 -10.76 -3.52
N ASN A 184 14.25 -9.76 -3.33
CA ASN A 184 14.48 -8.46 -3.98
C ASN A 184 15.04 -7.37 -3.05
N ASP A 185 15.31 -7.75 -1.80
CA ASP A 185 15.68 -6.75 -0.80
C ASP A 185 17.00 -6.04 -1.15
N ALA A 186 18.02 -6.84 -1.45
CA ALA A 186 19.35 -6.28 -1.75
C ALA A 186 19.32 -5.35 -2.95
N GLU A 187 18.67 -5.79 -4.03
CA GLU A 187 18.63 -4.97 -5.23
C GLU A 187 17.81 -3.70 -4.98
N THR A 188 16.79 -3.79 -4.12
CA THR A 188 16.01 -2.59 -3.75
C THR A 188 16.86 -1.58 -2.97
N GLN A 189 17.61 -2.06 -1.98
CA GLN A 189 18.46 -1.14 -1.21
C GLN A 189 19.50 -0.49 -2.10
N ARG A 190 20.08 -1.27 -3.02
CA ARG A 190 21.05 -0.75 -3.99
C ARG A 190 20.47 0.37 -4.86
N PHE A 191 19.28 0.16 -5.39
CA PHE A 191 18.58 1.17 -6.17
C PHE A 191 18.39 2.47 -5.38
N PHE A 192 17.94 2.37 -4.11
CA PHE A 192 17.79 3.57 -3.28
C PHE A 192 19.15 4.26 -3.08
N GLU A 193 20.16 3.48 -2.73
CA GLU A 193 21.51 4.02 -2.48
C GLU A 193 22.09 4.78 -3.69
N GLU A 194 21.97 4.17 -4.87
CA GLU A 194 22.45 4.75 -6.15
C GLU A 194 21.73 6.05 -6.50
N ASN A 195 20.53 6.21 -5.97
CA ASN A 195 19.74 7.40 -6.25
C ASN A 195 19.65 8.37 -5.06
N SER A 196 20.56 8.21 -4.10
CA SER A 196 20.63 9.05 -2.88
C SER A 196 19.29 9.11 -2.16
N TYR A 197 18.61 7.97 -2.08
CA TYR A 197 17.31 7.84 -1.38
C TYR A 197 16.28 8.83 -1.87
N PHE A 198 16.43 9.24 -3.13
CA PHE A 198 15.48 10.15 -3.82
C PHE A 198 15.23 11.43 -3.05
N GLY A 199 16.27 11.89 -2.36
CA GLY A 199 16.20 13.15 -1.63
C GLY A 199 15.82 13.01 -0.16
N LEU A 200 15.41 11.81 0.25
CA LEU A 200 15.13 11.52 1.66
C LEU A 200 16.41 11.34 2.47
N GLU A 201 16.32 11.48 3.78
CA GLU A 201 17.45 11.09 4.65
C GLU A 201 17.55 9.57 4.76
N ARG A 202 18.76 9.03 4.65
CA ARG A 202 18.96 7.61 4.81
C ARG A 202 18.34 7.08 6.10
N GLU A 203 18.42 7.87 7.18
CA GLU A 203 17.96 7.45 8.50
C GLU A 203 16.42 7.30 8.58
N GLN A 204 15.68 7.90 7.63
CA GLN A 204 14.22 7.77 7.67
C GLN A 204 13.67 6.64 6.78
N VAL A 205 14.56 5.91 6.11
CA VAL A 205 14.17 4.82 5.24
C VAL A 205 14.52 3.48 5.84
N HIS A 206 13.53 2.60 5.97
CA HIS A 206 13.70 1.34 6.67
C HIS A 206 13.29 0.24 5.74
N PHE A 207 14.25 -0.59 5.34
CA PHE A 207 13.94 -1.73 4.47
C PHE A 207 13.69 -2.97 5.33
N PHE A 208 12.61 -3.69 5.06
CA PHE A 208 12.30 -4.87 5.83
C PHE A 208 11.63 -5.90 4.95
N ALA A 209 12.16 -7.12 4.95
CA ALA A 209 11.65 -8.15 4.05
C ALA A 209 10.49 -8.91 4.66
N GLN A 210 9.49 -9.17 3.82
CA GLN A 210 8.36 -10.02 4.21
C GLN A 210 8.77 -11.46 4.01
N SER A 211 7.93 -12.35 4.51
CA SER A 211 8.08 -13.77 4.27
C SER A 211 7.08 -14.29 3.26
N SER A 212 7.50 -15.24 2.45
CA SER A 212 6.60 -15.96 1.58
C SER A 212 5.89 -17.05 2.38
N VAL A 213 4.90 -17.69 1.76
CA VAL A 213 4.08 -18.69 2.45
C VAL A 213 4.18 -20.00 1.63
N PRO A 214 4.43 -21.14 2.30
CA PRO A 214 4.57 -22.41 1.50
C PRO A 214 3.30 -22.79 0.75
N CYS A 215 3.44 -23.57 -0.33
CA CYS A 215 2.31 -24.17 -1.02
C CYS A 215 2.22 -25.65 -0.69
N TYR A 216 0.99 -26.18 -0.67
CA TYR A 216 0.71 -27.50 -0.10
C TYR A 216 -0.02 -28.45 -1.04
N ASP A 217 0.32 -29.74 -0.95
CA ASP A 217 -0.52 -30.78 -1.54
C ASP A 217 -1.82 -30.87 -0.73
N GLU A 218 -2.96 -30.84 -1.42
CA GLU A 218 -4.28 -30.78 -0.78
C GLU A 218 -4.59 -32.08 -0.03
N ASN A 219 -4.30 -33.21 -0.66
CA ASN A 219 -4.62 -34.51 -0.07
C ASN A 219 -3.78 -34.92 1.13
N THR A 220 -2.48 -34.62 1.11
CA THR A 220 -1.55 -35.10 2.13
C THR A 220 -1.15 -34.01 3.13
N GLY A 221 -1.36 -32.75 2.75
CA GLY A 221 -0.85 -31.62 3.56
C GLY A 221 0.67 -31.42 3.53
N ARG A 222 1.36 -32.14 2.65
CA ARG A 222 2.80 -31.95 2.49
C ARG A 222 3.12 -30.67 1.73
N ILE A 223 4.13 -29.96 2.20
CA ILE A 223 4.68 -28.85 1.44
C ILE A 223 5.23 -29.38 0.12
N ILE A 224 4.89 -28.71 -0.97
CA ILE A 224 5.37 -29.11 -2.28
C ILE A 224 6.80 -28.60 -2.47
N MET A 225 7.64 -29.43 -3.09
CA MET A 225 8.99 -29.04 -3.47
C MET A 225 9.01 -28.53 -4.91
N GLU A 226 9.55 -27.34 -5.13
CA GLU A 226 9.79 -26.84 -6.48
C GLU A 226 10.92 -27.68 -7.12
N ASN A 227 11.94 -27.94 -6.32
CA ASN A 227 13.07 -28.83 -6.70
C ASN A 227 13.75 -29.31 -5.42
N ARG A 228 14.84 -30.08 -5.53
CA ARG A 228 15.42 -30.66 -4.35
C ARG A 228 16.01 -29.61 -3.40
N GLY A 229 16.22 -28.39 -3.90
CA GLY A 229 16.79 -27.32 -3.10
C GLY A 229 15.85 -26.14 -2.85
N ARG A 230 14.56 -26.34 -3.08
CA ARG A 230 13.63 -25.21 -2.97
C ARG A 230 12.21 -25.67 -2.73
N ILE A 231 11.57 -25.14 -1.69
CA ILE A 231 10.16 -25.42 -1.49
C ILE A 231 9.31 -24.47 -2.30
N CYS A 232 8.13 -24.95 -2.67
CA CYS A 232 7.15 -24.13 -3.31
C CYS A 232 6.64 -23.13 -2.27
N ALA A 233 6.75 -21.85 -2.59
CA ALA A 233 6.24 -20.78 -1.73
C ALA A 233 5.85 -19.60 -2.60
N ALA A 234 4.96 -18.76 -2.08
CA ALA A 234 4.37 -17.69 -2.90
C ALA A 234 4.17 -16.48 -2.03
N PRO A 235 4.06 -15.28 -2.66
CA PRO A 235 3.78 -14.08 -1.87
C PRO A 235 2.52 -14.30 -1.06
N GLY A 236 2.54 -13.90 0.20
CA GLY A 236 1.43 -14.21 1.07
C GLY A 236 0.24 -13.28 0.98
N GLY A 237 0.37 -12.15 0.28
CA GLY A 237 -0.67 -11.09 0.33
C GLY A 237 -0.26 -10.06 1.38
N ASN A 238 -0.94 -8.92 1.39
CA ASN A 238 -0.52 -7.82 2.22
C ASN A 238 -0.68 -8.04 3.72
N GLY A 239 -1.35 -9.13 4.10
CA GLY A 239 -1.38 -9.53 5.51
C GLY A 239 0.02 -9.87 6.02
N ALA A 240 0.97 -10.09 5.08
CA ALA A 240 2.38 -10.30 5.47
C ALA A 240 3.02 -9.15 6.28
N VAL A 241 2.39 -7.98 6.27
CA VAL A 241 2.95 -6.80 6.96
C VAL A 241 3.18 -7.08 8.43
N PHE A 242 2.25 -7.81 9.05
CA PHE A 242 2.32 -7.95 10.51
C PHE A 242 3.53 -8.75 10.97
N ALA A 243 3.75 -9.89 10.34
CA ALA A 243 4.94 -10.72 10.58
C ALA A 243 6.22 -9.98 10.22
N ALA A 244 6.18 -9.26 9.10
CA ALA A 244 7.35 -8.54 8.65
C ALA A 244 7.77 -7.45 9.65
N LEU A 245 6.80 -6.69 10.18
CA LEU A 245 7.08 -5.67 11.18
C LEU A 245 7.52 -6.28 12.51
N ALA A 246 7.24 -7.57 12.71
CA ALA A 246 7.56 -8.30 13.96
C ALA A 246 8.95 -8.89 14.04
N ALA A 247 9.61 -9.03 12.88
CA ALA A 247 10.92 -9.68 12.79
C ALA A 247 11.98 -8.92 13.59
N PRO A 248 12.79 -9.65 14.40
CA PRO A 248 13.88 -8.96 15.11
C PRO A 248 14.89 -8.35 14.16
N ARG A 249 15.40 -7.17 14.52
CA ARG A 249 16.39 -6.46 13.72
C ARG A 249 17.51 -5.95 14.63
N ALA A 250 18.70 -5.74 14.04
CA ALA A 250 19.80 -5.06 14.72
C ALA A 250 19.35 -3.74 15.34
N THR A 251 19.69 -3.55 16.62
CA THR A 251 19.18 -2.46 17.44
C THR A 251 20.30 -1.76 18.21
N LYS A 252 20.31 -0.43 18.17
CA LYS A 252 21.24 0.37 18.99
C LYS A 252 20.49 1.09 20.11
N THR A 257 24.99 2.33 21.05
CA THR A 257 25.34 1.12 21.79
C THR A 257 24.44 -0.07 21.40
N LEU A 258 25.05 -1.13 20.86
CA LEU A 258 24.32 -2.34 20.49
C LEU A 258 23.58 -2.95 21.68
N GLN A 259 22.27 -3.18 21.51
CA GLN A 259 21.43 -3.81 22.53
C GLN A 259 20.81 -5.07 21.93
N VAL A 260 19.95 -5.74 22.68
CA VAL A 260 19.25 -6.93 22.15
C VAL A 260 18.36 -6.53 20.96
N LYS A 261 18.19 -7.45 20.00
CA LYS A 261 17.42 -7.16 18.79
C LYS A 261 15.97 -6.91 19.12
N GLU A 262 15.39 -5.88 18.48
CA GLU A 262 13.97 -5.58 18.56
C GLU A 262 13.37 -5.50 17.14
N SER A 263 12.04 -5.54 17.08
CA SER A 263 11.35 -5.45 15.78
C SER A 263 11.29 -4.03 15.22
N LEU A 264 11.02 -3.92 13.92
CA LEU A 264 10.77 -2.61 13.34
C LEU A 264 9.58 -1.94 14.06
N LEU A 265 8.57 -2.72 14.42
CA LEU A 265 7.44 -2.19 15.20
C LEU A 265 7.93 -1.52 16.50
N GLN A 266 8.76 -2.21 17.25
CA GLN A 266 9.33 -1.64 18.47
C GLN A 266 10.18 -0.40 18.16
N HIS A 267 10.96 -0.43 17.08
CA HIS A 267 11.77 0.74 16.66
C HIS A 267 10.87 1.91 16.37
N LEU A 268 9.75 1.66 15.70
CA LEU A 268 8.80 2.75 15.38
C LEU A 268 8.13 3.34 16.62
N ARG A 269 7.79 2.49 17.58
CA ARG A 269 7.21 2.98 18.83
C ARG A 269 8.19 3.93 19.51
N LYS A 270 9.47 3.54 19.56
CA LYS A 270 10.52 4.39 20.14
C LYS A 270 10.69 5.72 19.41
N LEU A 271 10.48 5.73 18.10
CA LEU A 271 10.50 6.96 17.30
C LEU A 271 9.26 7.83 17.44
N GLY A 272 8.26 7.36 18.17
CA GLY A 272 7.04 8.17 18.42
C GLY A 272 6.01 8.10 17.30
N ILE A 273 6.12 7.08 16.44
CA ILE A 273 5.12 6.87 15.37
C ILE A 273 3.76 6.51 15.99
N ALA A 274 2.73 7.20 15.54
CA ALA A 274 1.36 6.96 16.00
C ALA A 274 0.52 6.25 14.96
N TYR A 275 0.77 6.53 13.67
CA TYR A 275 0.00 5.92 12.58
C TYR A 275 0.89 5.46 11.46
N VAL A 276 0.49 4.37 10.81
CA VAL A 276 1.19 3.81 9.65
C VAL A 276 0.19 3.80 8.50
N GLN A 277 0.49 4.56 7.44
CA GLN A 277 -0.31 4.51 6.23
C GLN A 277 0.28 3.43 5.33
N ILE A 278 -0.56 2.57 4.76
CA ILE A 278 -0.05 1.43 3.99
C ILE A 278 -0.58 1.54 2.57
N GLY A 279 0.31 1.34 1.61
CA GLY A 279 -0.13 1.37 0.20
C GLY A 279 0.77 0.56 -0.69
N ASN A 280 0.23 0.14 -1.85
CA ASN A 280 1.03 -0.61 -2.81
C ASN A 280 1.81 0.34 -3.75
N ILE A 281 3.07 -0.01 -4.02
CA ILE A 281 3.90 0.78 -4.91
C ILE A 281 3.30 0.86 -6.32
N ASP A 282 2.38 -0.04 -6.66
CA ASP A 282 1.74 -0.01 -7.99
C ASP A 282 0.77 1.13 -8.27
N ASN A 283 0.42 1.90 -7.24
CA ASN A 283 -0.61 2.90 -7.39
C ASN A 283 0.01 4.23 -7.77
N LEU A 284 -0.07 4.56 -9.05
CA LEU A 284 0.55 5.81 -9.51
C LEU A 284 -0.08 7.03 -8.87
N LEU A 285 -1.37 6.93 -8.51
CA LEU A 285 -2.09 8.06 -7.96
C LEU A 285 -2.11 8.12 -6.42
N ALA A 286 -1.22 7.37 -5.78
CA ALA A 286 -1.28 7.20 -4.33
C ALA A 286 -1.14 8.54 -3.61
N ASN A 287 -2.08 8.82 -2.72
CA ASN A 287 -2.06 10.05 -1.97
C ASN A 287 -1.22 9.77 -0.72
N VAL A 288 0.09 9.93 -0.89
CA VAL A 288 1.09 9.52 0.09
C VAL A 288 1.19 10.52 1.25
N ALA A 289 1.13 10.02 2.49
CA ALA A 289 1.04 10.87 3.68
C ALA A 289 -0.11 11.87 3.58
N ASP A 290 -1.30 11.37 3.26
CA ASP A 290 -2.47 12.20 3.02
C ASP A 290 -2.91 12.83 4.35
N PRO A 291 -2.78 14.17 4.50
CA PRO A 291 -3.13 14.80 5.77
C PRO A 291 -4.62 14.76 6.09
N VAL A 292 -5.50 14.66 5.09
CA VAL A 292 -6.95 14.52 5.38
C VAL A 292 -7.24 13.13 5.98
N PHE A 293 -6.64 12.10 5.39
CA PHE A 293 -6.75 10.70 5.86
C PHE A 293 -6.26 10.63 7.31
N ILE A 294 -5.09 11.22 7.56
CA ILE A 294 -4.49 11.26 8.91
C ILE A 294 -5.34 12.05 9.90
N GLY A 295 -5.78 13.22 9.49
CA GLY A 295 -6.63 14.08 10.35
C GLY A 295 -7.95 13.39 10.70
N TYR A 296 -8.53 12.72 9.71
CA TYR A 296 -9.76 11.95 9.95
C TYR A 296 -9.52 10.85 10.99
N ALA A 297 -8.42 10.11 10.85
CA ALA A 297 -8.15 9.06 11.84
C ALA A 297 -8.03 9.64 13.25
N ILE A 298 -7.32 10.77 13.34
CA ILE A 298 -7.07 11.40 14.64
C ILE A 298 -8.37 11.90 15.28
N GLU A 299 -9.16 12.63 14.50
CA GLU A 299 -10.39 13.25 15.01
C GLU A 299 -11.45 12.21 15.34
N GLU A 300 -11.43 11.08 14.61
CA GLU A 300 -12.37 9.96 14.87
C GLU A 300 -11.94 9.03 16.00
N GLU A 301 -10.69 9.19 16.46
CA GLU A 301 -10.03 8.27 17.39
C GLU A 301 -10.08 6.83 16.80
N ALA A 302 -9.82 6.72 15.50
CA ALA A 302 -9.85 5.44 14.80
C ALA A 302 -8.52 4.71 14.96
N HIS A 303 -8.60 3.39 15.06
CA HIS A 303 -7.41 2.53 15.00
C HIS A 303 -7.18 2.00 13.59
N VAL A 304 -8.25 1.93 12.80
CA VAL A 304 -8.14 1.61 11.36
C VAL A 304 -9.04 2.55 10.56
N VAL A 305 -8.49 3.18 9.52
CA VAL A 305 -9.30 3.86 8.52
C VAL A 305 -8.96 3.23 7.18
N VAL A 306 -10.01 2.87 6.41
CA VAL A 306 -9.79 2.36 5.07
C VAL A 306 -10.29 3.38 4.04
N LYS A 307 -9.54 3.50 2.95
CA LYS A 307 -10.07 4.24 1.81
C LYS A 307 -10.78 3.30 0.86
N THR A 308 -11.90 3.76 0.33
CA THR A 308 -12.74 2.95 -0.56
C THR A 308 -13.23 3.84 -1.68
N CYS A 309 -13.69 3.24 -2.78
CA CYS A 309 -14.25 3.99 -3.90
C CYS A 309 -15.60 3.37 -4.30
N PRO A 310 -16.52 4.18 -4.86
CA PRO A 310 -17.71 3.56 -5.46
C PRO A 310 -17.31 2.54 -6.54
N LYS A 311 -18.08 1.47 -6.70
CA LYS A 311 -17.82 0.52 -7.78
C LYS A 311 -18.08 1.16 -9.14
N ARG A 312 -17.31 0.74 -10.14
CA ARG A 312 -17.49 1.25 -11.50
C ARG A 312 -18.79 0.78 -12.15
N GLY A 313 -19.25 -0.38 -11.73
CA GLY A 313 -20.57 -0.91 -12.09
C GLY A 313 -20.78 -2.16 -11.25
N PRO A 314 -21.98 -2.75 -11.32
CA PRO A 314 -22.32 -3.90 -10.45
C PRO A 314 -21.40 -5.11 -10.61
N ASP A 315 -20.85 -5.32 -11.82
CA ASP A 315 -20.00 -6.46 -12.10
C ASP A 315 -18.50 -6.24 -11.95
N GLU A 316 -18.09 -5.07 -11.43
CA GLU A 316 -16.66 -4.87 -11.21
C GLU A 316 -16.08 -5.93 -10.28
N ARG A 317 -14.99 -6.56 -10.70
CA ARG A 317 -14.38 -7.64 -9.91
C ARG A 317 -13.47 -7.06 -8.83
N VAL A 318 -14.05 -6.52 -7.77
CA VAL A 318 -13.30 -5.92 -6.67
C VAL A 318 -13.99 -6.31 -5.36
N GLY A 319 -13.25 -6.35 -4.26
CA GLY A 319 -13.86 -6.69 -2.98
C GLY A 319 -14.58 -5.47 -2.44
N VAL A 320 -15.63 -5.69 -1.63
CA VAL A 320 -16.35 -4.57 -1.00
C VAL A 320 -16.35 -4.73 0.51
N PHE A 321 -16.34 -3.58 1.20
CA PHE A 321 -16.37 -3.62 2.67
C PHE A 321 -17.76 -3.92 3.19
N VAL A 322 -17.80 -4.78 4.21
CA VAL A 322 -19.06 -5.18 4.85
C VAL A 322 -18.82 -5.28 6.36
N ARG A 323 -19.92 -5.25 7.11
CA ARG A 323 -19.87 -5.56 8.54
C ARG A 323 -20.75 -6.79 8.78
N ALA A 324 -20.19 -7.79 9.42
CA ALA A 324 -20.92 -9.04 9.69
C ALA A 324 -20.84 -9.34 11.17
N SER A 325 -21.99 -9.41 11.83
CA SER A 325 -22.03 -9.63 13.28
C SER A 325 -21.14 -8.62 14.01
N GLY A 326 -21.22 -7.37 13.56
CA GLY A 326 -20.45 -6.28 14.14
C GLY A 326 -18.96 -6.24 13.80
N LYS A 327 -18.50 -7.08 12.89
CA LYS A 327 -17.07 -7.17 12.55
C LYS A 327 -16.85 -6.73 11.11
N TRP A 328 -15.90 -5.82 10.90
CA TRP A 328 -15.63 -5.30 9.55
C TRP A 328 -14.69 -6.17 8.79
N GLY A 329 -14.94 -6.31 7.49
CA GLY A 329 -14.09 -7.08 6.61
C GLY A 329 -14.44 -6.81 5.16
N VAL A 330 -13.90 -7.64 4.28
CA VAL A 330 -14.12 -7.48 2.83
C VAL A 330 -14.67 -8.77 2.26
N VAL A 331 -15.67 -8.64 1.41
CA VAL A 331 -16.20 -9.80 0.69
C VAL A 331 -15.76 -9.65 -0.75
N GLU A 332 -14.97 -10.62 -1.21
CA GLU A 332 -14.38 -10.59 -2.55
C GLU A 332 -15.45 -10.90 -3.60
N TYR A 333 -15.20 -10.50 -4.85
CA TYR A 333 -16.20 -10.63 -5.89
C TYR A 333 -16.65 -12.10 -6.13
N THR A 334 -15.72 -13.03 -5.96
CA THR A 334 -16.02 -14.48 -6.14
C THR A 334 -16.94 -15.05 -5.06
N GLU A 335 -17.06 -14.34 -3.94
CA GLU A 335 -17.84 -14.81 -2.79
C GLU A 335 -19.15 -14.07 -2.57
N ILE A 336 -19.47 -13.08 -3.39
CA ILE A 336 -20.65 -12.24 -3.11
C ILE A 336 -22.00 -12.99 -3.07
N ARG A 339 -27.93 -10.13 -3.54
CA ARG A 339 -27.90 -8.97 -2.62
C ARG A 339 -26.76 -8.01 -2.95
N ALA A 340 -25.65 -8.55 -3.46
CA ALA A 340 -24.44 -7.76 -3.75
C ALA A 340 -24.63 -6.66 -4.77
N LYS A 341 -25.57 -6.88 -5.69
CA LYS A 341 -25.77 -5.98 -6.83
C LYS A 341 -27.11 -5.25 -6.73
N GLU A 342 -27.71 -5.32 -5.55
CA GLU A 342 -28.91 -4.54 -5.28
C GLU A 342 -28.66 -3.05 -5.23
N ILE A 343 -29.67 -2.33 -5.64
CA ILE A 343 -29.69 -0.91 -5.73
C ILE A 343 -30.49 -0.38 -4.56
N ASP A 344 -30.00 0.69 -3.94
CA ASP A 344 -30.77 1.43 -2.96
C ASP A 344 -31.87 2.21 -3.70
N ASP A 345 -33.11 1.99 -3.27
CA ASP A 345 -34.31 2.51 -3.96
C ASP A 345 -34.27 4.03 -4.16
N ALA A 346 -33.83 4.75 -3.13
CA ALA A 346 -33.84 6.21 -3.13
C ALA A 346 -32.77 6.80 -4.06
N THR A 347 -31.52 6.38 -3.86
CA THR A 347 -30.38 7.02 -4.52
C THR A 347 -30.08 6.43 -5.88
N GLY A 348 -30.50 5.19 -6.11
CA GLY A 348 -30.16 4.48 -7.33
C GLY A 348 -28.73 3.96 -7.31
N GLU A 349 -28.06 4.07 -6.15
CA GLU A 349 -26.68 3.59 -6.02
C GLU A 349 -26.66 2.17 -5.46
N LEU A 350 -25.63 1.38 -5.81
CA LEU A 350 -25.48 0.04 -5.25
C LEU A 350 -25.48 0.11 -3.73
N LYS A 351 -26.10 -0.89 -3.10
CA LYS A 351 -26.11 -0.99 -1.63
C LYS A 351 -24.71 -1.28 -1.09
N PHE A 352 -23.96 -2.12 -1.81
CA PHE A 352 -22.58 -2.44 -1.43
C PHE A 352 -21.67 -1.69 -2.36
N ASN A 353 -21.24 -0.50 -1.93
CA ASN A 353 -20.61 0.44 -2.84
C ASN A 353 -19.30 1.02 -2.30
N CYS A 354 -18.68 0.32 -1.35
CA CYS A 354 -17.37 0.77 -0.84
C CYS A 354 -16.32 -0.25 -1.26
N ALA A 355 -15.79 -0.07 -2.46
CA ALA A 355 -14.78 -1.01 -3.00
C ALA A 355 -13.39 -0.81 -2.36
N ASN A 356 -12.75 -1.94 -2.06
CA ASN A 356 -11.45 -1.97 -1.45
C ASN A 356 -10.34 -1.57 -2.43
N ILE A 357 -9.66 -0.45 -2.18
CA ILE A 357 -8.52 -0.05 -3.01
C ILE A 357 -7.16 -0.28 -2.30
N SER A 358 -7.18 -1.09 -1.25
CA SER A 358 -5.98 -1.48 -0.50
C SER A 358 -5.16 -0.26 -0.07
N SER A 359 -5.85 0.70 0.53
CA SER A 359 -5.20 1.88 1.06
C SER A 359 -5.71 2.06 2.49
N ASN A 360 -4.83 1.89 3.47
CA ASN A 360 -5.23 1.84 4.89
C ASN A 360 -4.38 2.74 5.76
N LEU A 361 -4.97 3.20 6.85
CA LEU A 361 -4.20 3.93 7.84
C LEU A 361 -4.47 3.26 9.18
N CYS A 362 -3.43 2.76 9.84
CA CYS A 362 -3.62 2.02 11.07
C CYS A 362 -2.83 2.64 12.20
N SER A 363 -3.40 2.63 13.41
CA SER A 363 -2.61 3.04 14.58
C SER A 363 -1.47 2.06 14.82
N LEU A 364 -0.43 2.53 15.47
CA LEU A 364 0.65 1.61 15.84
C LEU A 364 0.15 0.57 16.85
N HIS A 365 -0.76 0.97 17.74
CA HIS A 365 -1.41 0.01 18.64
C HIS A 365 -2.09 -1.09 17.86
N PHE A 366 -2.86 -0.73 16.83
CA PHE A 366 -3.48 -1.77 16.00
C PHE A 366 -2.44 -2.67 15.34
N MET A 367 -1.38 -2.08 14.78
CA MET A 367 -0.36 -2.92 14.13
C MET A 367 0.20 -3.95 15.12
N SER A 368 0.44 -3.50 16.34
CA SER A 368 0.92 -4.39 17.42
CA SER A 368 0.93 -4.39 17.41
C SER A 368 -0.08 -5.48 17.79
N LEU A 369 -1.33 -5.09 18.01
CA LEU A 369 -2.31 -6.05 18.50
C LEU A 369 -2.64 -7.03 17.40
N ALA A 370 -2.75 -6.54 16.16
CA ALA A 370 -3.11 -7.39 15.04
C ALA A 370 -2.03 -8.41 14.85
N ALA A 371 -0.78 -8.00 14.98
CA ALA A 371 0.34 -8.97 14.84
C ALA A 371 0.25 -10.07 15.90
N GLU A 372 -0.01 -9.68 17.15
CA GLU A 372 -0.18 -10.65 18.24
C GLU A 372 -1.32 -11.61 17.93
N ARG A 373 -2.48 -11.09 17.53
CA ARG A 373 -3.61 -11.97 17.18
C ARG A 373 -3.30 -12.86 16.00
N MET A 374 -2.55 -12.33 15.03
CA MET A 374 -2.35 -13.10 13.81
C MET A 374 -1.54 -14.37 14.02
N LYS A 375 -0.66 -14.39 15.02
CA LYS A 375 0.13 -15.59 15.30
C LYS A 375 -0.71 -16.84 15.55
N SER A 376 -1.95 -16.68 16.03
CA SER A 376 -2.81 -17.85 16.22
C SER A 376 -3.99 -17.88 15.25
N PHE A 377 -3.95 -17.00 14.24
CA PHE A 377 -5.07 -16.83 13.33
C PHE A 377 -4.92 -17.86 12.21
N THR A 378 -6.03 -18.51 11.84
CA THR A 378 -5.93 -19.61 10.90
C THR A 378 -6.87 -19.50 9.71
N GLN A 379 -7.61 -18.40 9.62
CA GLN A 379 -8.61 -18.20 8.54
C GLN A 379 -8.03 -17.52 7.31
N TYR A 380 -7.08 -18.20 6.67
CA TYR A 380 -6.49 -17.66 5.44
C TYR A 380 -7.37 -18.00 4.25
N HIS A 381 -7.03 -17.43 3.10
CA HIS A 381 -7.74 -17.66 1.86
C HIS A 381 -6.99 -18.69 1.05
N ALA A 382 -7.60 -19.86 0.85
CA ALA A 382 -6.96 -20.96 0.14
C ALA A 382 -7.42 -20.98 -1.31
N ALA A 383 -6.50 -21.25 -2.22
CA ALA A 383 -6.85 -21.37 -3.63
C ALA A 383 -6.10 -22.56 -4.22
N ARG A 384 -6.78 -23.33 -5.09
CA ARG A 384 -6.15 -24.43 -5.83
C ARG A 384 -5.53 -23.86 -7.08
N LYS A 385 -4.27 -24.21 -7.31
CA LYS A 385 -3.50 -23.62 -8.39
C LYS A 385 -2.64 -24.70 -9.05
N LYS A 386 -2.38 -24.55 -10.33
CA LYS A 386 -1.46 -25.45 -11.01
C LYS A 386 -0.07 -24.89 -10.78
N ILE A 387 0.82 -25.68 -10.19
CA ILE A 387 2.10 -25.14 -9.75
C ILE A 387 3.25 -25.80 -10.53
N PRO A 388 4.05 -25.00 -11.25
CA PRO A 388 5.18 -25.59 -11.99
C PRO A 388 6.23 -26.11 -11.01
N THR A 389 6.78 -27.29 -11.28
CA THR A 389 7.90 -27.83 -10.50
C THR A 389 8.89 -28.47 -11.46
N ILE A 390 10.10 -28.74 -10.98
CA ILE A 390 11.12 -29.38 -11.84
C ILE A 390 10.71 -30.84 -12.17
N LYS A 391 9.68 -31.35 -11.51
CA LYS A 391 9.14 -32.70 -11.82
C LYS A 391 7.85 -32.61 -12.62
N GLY A 392 7.58 -31.43 -13.17
CA GLY A 392 6.34 -31.17 -13.91
C GLY A 392 5.30 -30.49 -13.05
N PRO A 393 4.21 -29.99 -13.69
CA PRO A 393 3.19 -29.26 -12.94
C PRO A 393 2.42 -30.17 -11.99
N VAL A 394 2.10 -29.64 -10.81
CA VAL A 394 1.23 -30.36 -9.87
C VAL A 394 0.16 -29.40 -9.37
N MET A 395 -0.95 -29.95 -8.90
CA MET A 395 -2.01 -29.16 -8.30
C MET A 395 -1.65 -28.96 -6.84
N GLY A 396 -1.76 -27.73 -6.34
CA GLY A 396 -1.43 -27.46 -4.93
C GLY A 396 -2.30 -26.35 -4.39
N ILE A 397 -2.13 -26.08 -3.10
CA ILE A 397 -2.93 -25.06 -2.40
C ILE A 397 -2.02 -23.89 -2.06
N LYS A 398 -2.42 -22.69 -2.45
CA LYS A 398 -1.73 -21.44 -2.05
C LYS A 398 -2.57 -20.74 -1.00
N LEU A 399 -1.92 -20.11 -0.03
CA LEU A 399 -2.64 -19.51 1.09
C LEU A 399 -2.32 -18.05 1.15
N GLU A 400 -3.34 -17.21 1.34
CA GLU A 400 -3.08 -15.76 1.41
C GLU A 400 -3.81 -15.14 2.59
N ALA A 401 -3.25 -14.07 3.14
CA ALA A 401 -4.01 -13.27 4.08
C ALA A 401 -3.80 -11.79 3.78
N PHE A 402 -4.79 -10.98 4.12
CA PHE A 402 -4.79 -9.54 3.79
C PHE A 402 -4.99 -8.71 5.03
N LEU A 403 -4.59 -7.44 4.97
CA LEU A 403 -4.78 -6.54 6.09
C LEU A 403 -6.22 -6.64 6.57
N PHE A 404 -7.18 -6.66 5.65
CA PHE A 404 -8.60 -6.66 6.05
C PHE A 404 -9.04 -7.88 6.85
N ASP A 405 -8.27 -8.96 6.79
CA ASP A 405 -8.64 -10.16 7.57
C ASP A 405 -8.48 -9.87 9.07
N LEU A 406 -7.66 -8.87 9.40
CA LEU A 406 -7.42 -8.55 10.80
C LEU A 406 -8.30 -7.42 11.34
N PHE A 407 -9.11 -6.81 10.49
CA PHE A 407 -9.88 -5.65 10.97
C PHE A 407 -10.94 -6.06 12.00
N ARG A 408 -11.33 -7.34 12.01
CA ARG A 408 -12.26 -7.85 13.02
C ARG A 408 -11.77 -7.63 14.47
N PHE A 409 -10.46 -7.40 14.63
CA PHE A 409 -9.86 -7.21 15.95
C PHE A 409 -9.76 -5.76 16.38
N VAL A 410 -10.20 -4.83 15.52
CA VAL A 410 -9.90 -3.40 15.73
C VAL A 410 -10.37 -2.84 17.07
N ASP A 411 -11.53 -3.25 17.55
CA ASP A 411 -12.01 -2.62 18.78
C ASP A 411 -11.37 -3.17 20.04
N GLU A 412 -10.61 -4.26 19.90
CA GLU A 412 -9.85 -4.79 21.04
C GLU A 412 -8.72 -3.87 21.48
N CYS A 413 -8.45 -2.83 20.66
CA CYS A 413 -7.42 -1.85 20.99
C CYS A 413 -7.87 -0.88 22.07
N ASP A 414 -9.17 -0.76 22.30
CA ASP A 414 -9.69 0.19 23.30
C ASP A 414 -10.30 -0.54 24.49
N HIS A 415 -10.05 -0.02 25.70
CA HIS A 415 -10.60 -0.60 26.93
C HIS A 415 -11.29 0.46 27.73
N PRO A 416 -12.63 0.52 27.67
CA PRO A 416 -13.55 -0.29 26.87
C PRO A 416 -13.61 0.18 25.41
N PRO A 417 -14.14 -0.66 24.50
CA PRO A 417 -14.35 -0.19 23.13
C PRO A 417 -15.23 1.06 23.11
N LYS A 418 -15.00 1.92 22.13
CA LYS A 418 -15.85 3.09 21.90
C LYS A 418 -17.22 2.65 21.42
N ASP A 419 -18.27 3.35 21.86
CA ASP A 419 -19.63 3.07 21.41
C ASP A 419 -19.73 3.11 19.89
N SER A 420 -19.03 4.05 19.27
CA SER A 420 -19.12 4.24 17.82
C SER A 420 -18.03 3.44 17.08
N GLY A 421 -17.24 2.66 17.82
CA GLY A 421 -16.21 1.81 17.21
C GLY A 421 -14.96 2.59 16.77
N ALA A 422 -13.91 1.84 16.44
CA ALA A 422 -12.61 2.44 16.10
C ALA A 422 -12.22 2.10 14.65
N PHE A 423 -13.20 1.66 13.87
CA PHE A 423 -13.05 1.44 12.41
C PHE A 423 -13.80 2.50 11.61
N ARG A 424 -13.12 3.15 10.66
CA ARG A 424 -13.77 4.15 9.82
C ARG A 424 -13.49 3.90 8.33
N ILE A 425 -14.44 4.31 7.52
CA ILE A 425 -14.33 4.28 6.05
C ILE A 425 -14.24 5.71 5.55
N MET A 426 -13.33 5.95 4.61
CA MET A 426 -13.27 7.24 3.90
C MET A 426 -13.47 6.93 2.40
N GLN A 427 -14.62 7.30 1.88
CA GLN A 427 -14.95 7.03 0.47
C GLN A 427 -14.36 8.18 -0.36
N VAL A 428 -13.46 7.85 -1.28
CA VAL A 428 -12.70 8.84 -2.03
C VAL A 428 -12.98 8.72 -3.54
N ASP A 429 -12.52 9.72 -4.28
CA ASP A 429 -12.67 9.84 -5.70
C ASP A 429 -11.63 8.96 -6.41
N ARG A 430 -12.08 7.89 -7.08
CA ARG A 430 -11.17 6.88 -7.65
C ARG A 430 -10.17 7.52 -8.59
N ASP A 431 -10.66 8.43 -9.42
CA ASP A 431 -9.81 9.00 -10.44
C ASP A 431 -8.77 9.96 -9.88
N ASP A 432 -8.86 10.31 -8.60
CA ASP A 432 -7.85 11.13 -7.93
C ASP A 432 -6.88 10.29 -7.09
N GLU A 433 -7.24 9.02 -6.84
CA GLU A 433 -6.65 8.28 -5.75
C GLU A 433 -6.18 6.87 -6.10
N PHE A 434 -6.59 6.33 -7.23
CA PHE A 434 -6.35 4.91 -7.50
C PHE A 434 -6.12 4.64 -8.98
N GLY A 435 -4.86 4.40 -9.34
CA GLY A 435 -4.41 4.13 -10.73
C GLY A 435 -3.34 3.05 -10.66
N PRO A 436 -3.76 1.81 -10.45
CA PRO A 436 -2.82 0.70 -10.27
C PRO A 436 -2.17 0.33 -11.60
N VAL A 437 -0.86 0.20 -11.56
CA VAL A 437 -0.08 -0.19 -12.74
C VAL A 437 0.26 -1.67 -12.61
N LYS A 438 -0.50 -2.50 -13.31
CA LYS A 438 -0.47 -3.94 -13.10
C LYS A 438 -0.29 -4.75 -14.37
N ASN A 439 -0.82 -4.27 -15.48
CA ASN A 439 -0.81 -5.04 -16.75
C ASN A 439 -0.07 -4.32 -17.83
N ALA A 440 0.62 -5.06 -18.70
CA ALA A 440 1.41 -4.43 -19.75
C ALA A 440 0.54 -3.58 -20.66
N ASP A 441 1.10 -2.48 -21.18
CA ASP A 441 0.35 -1.61 -22.09
C ASP A 441 -0.25 -2.47 -23.20
N GLY A 442 -1.48 -2.15 -23.60
CA GLY A 442 -2.18 -2.96 -24.59
C GLY A 442 -3.19 -3.91 -23.98
N ALA A 443 -3.13 -4.09 -22.66
CA ALA A 443 -4.12 -4.91 -21.96
C ALA A 443 -5.41 -4.13 -21.74
N ALA A 444 -6.43 -4.84 -21.23
CA ALA A 444 -7.78 -4.27 -21.08
C ALA A 444 -7.99 -3.28 -19.93
N SER A 445 -7.10 -3.28 -18.96
CA SER A 445 -7.27 -2.43 -17.79
C SER A 445 -5.99 -2.38 -16.97
N ASP A 446 -5.91 -1.42 -16.04
CA ASP A 446 -4.78 -1.31 -15.11
C ASP A 446 -3.41 -1.28 -15.81
N THR A 447 -3.33 -0.61 -16.95
CA THR A 447 -2.06 -0.45 -17.66
C THR A 447 -1.37 0.87 -17.26
N PRO A 448 -0.06 0.99 -17.54
CA PRO A 448 0.63 2.26 -17.30
C PRO A 448 -0.07 3.41 -18.01
N ALA A 449 -0.49 3.22 -19.27
CA ALA A 449 -1.15 4.30 -19.97
C ALA A 449 -2.45 4.73 -19.32
N ASP A 450 -3.20 3.77 -18.76
CA ASP A 450 -4.44 4.07 -18.07
C ASP A 450 -4.15 4.92 -16.83
N ALA A 451 -3.09 4.58 -16.09
CA ALA A 451 -2.74 5.34 -14.88
C ALA A 451 -2.24 6.74 -15.25
N VAL A 452 -1.39 6.83 -16.27
CA VAL A 452 -0.89 8.13 -16.77
C VAL A 452 -2.06 9.01 -17.21
N ARG A 453 -3.05 8.45 -17.93
CA ARG A 453 -4.21 9.26 -18.27
C ARG A 453 -4.90 9.86 -17.03
N LEU A 454 -5.08 9.08 -15.96
CA LEU A 454 -5.73 9.62 -14.76
C LEU A 454 -4.87 10.73 -14.12
N LEU A 455 -3.57 10.50 -14.10
CA LEU A 455 -2.62 11.46 -13.49
C LEU A 455 -2.70 12.79 -14.22
N LEU A 456 -2.59 12.74 -15.55
CA LEU A 456 -2.71 13.98 -16.33
C LEU A 456 -4.06 14.65 -16.17
N SER A 457 -5.13 13.87 -16.14
CA SER A 457 -6.45 14.45 -15.95
C SER A 457 -6.61 15.18 -14.62
N GLN A 458 -5.97 14.64 -13.60
CA GLN A 458 -6.00 15.25 -12.29
C GLN A 458 -5.19 16.55 -12.27
N HIS A 459 -3.99 16.51 -12.83
CA HIS A 459 -3.13 17.72 -12.86
C HIS A 459 -3.75 18.82 -13.68
N THR A 460 -4.46 18.43 -14.74
CA THR A 460 -5.17 19.36 -15.59
C THR A 460 -6.25 20.07 -14.82
N ARG A 461 -6.98 19.34 -13.99
CA ARG A 461 -7.97 19.96 -13.14
C ARG A 461 -7.30 20.95 -12.18
N TRP A 462 -6.16 20.60 -11.62
CA TRP A 462 -5.52 21.49 -10.64
C TRP A 462 -5.11 22.78 -11.30
N LEU A 463 -4.55 22.67 -12.50
CA LEU A 463 -4.05 23.84 -13.20
C LEU A 463 -5.18 24.77 -13.64
N ILE A 464 -6.28 24.20 -14.15
CA ILE A 464 -7.48 24.98 -14.53
C ILE A 464 -8.03 25.72 -13.31
N THR A 465 -8.10 25.04 -12.17
CA THR A 465 -8.49 25.69 -10.91
C THR A 465 -7.57 26.85 -10.52
N ALA A 466 -6.25 26.63 -10.64
CA ALA A 466 -5.30 27.70 -10.30
C ALA A 466 -5.48 28.90 -11.24
N LEU A 467 -5.70 28.62 -12.53
CA LEU A 467 -5.91 29.68 -13.52
C LEU A 467 -7.19 30.47 -13.25
N GLU A 468 -8.25 29.78 -12.88
CA GLU A 468 -9.53 30.41 -12.59
C GLU A 468 -9.49 31.27 -11.33
N THR A 469 -8.71 30.85 -10.33
CA THR A 469 -8.52 31.67 -9.14
C THR A 469 -7.81 32.97 -9.48
N ALA A 470 -6.76 32.88 -10.29
CA ALA A 470 -6.03 34.06 -10.77
C ALA A 470 -6.92 34.97 -11.62
N ALA A 471 -7.82 34.38 -12.40
CA ALA A 471 -8.83 35.13 -13.17
C ALA A 471 -9.70 36.01 -12.26
N MET A 472 -9.90 35.56 -11.03
CA MET A 472 -10.54 36.37 -10.00
C MET A 472 -9.46 37.11 -9.21
N GLY A 482 1.61 37.47 -9.60
CA GLY A 482 0.66 38.31 -10.30
C GLY A 482 0.65 38.09 -11.80
N VAL A 483 -0.55 37.87 -12.35
CA VAL A 483 -0.76 37.76 -13.78
C VAL A 483 -2.03 38.56 -14.15
N ASP A 484 -2.16 38.95 -15.43
CA ASP A 484 -3.30 39.74 -15.88
C ASP A 484 -4.60 38.92 -15.84
N VAL A 485 -5.63 39.49 -15.23
CA VAL A 485 -6.95 38.86 -15.13
C VAL A 485 -7.48 38.33 -16.47
N THR A 486 -7.41 39.16 -17.51
CA THR A 486 -7.90 38.76 -18.82
C THR A 486 -7.03 37.70 -19.51
N GLU A 487 -5.71 37.76 -19.29
CA GLU A 487 -4.78 36.75 -19.85
C GLU A 487 -4.96 35.36 -19.21
N ALA A 488 -5.26 35.35 -17.91
CA ALA A 488 -5.57 34.09 -17.21
C ALA A 488 -6.86 33.50 -17.76
N LYS A 489 -7.85 34.36 -17.98
CA LYS A 489 -9.13 34.00 -18.57
C LYS A 489 -8.93 33.45 -19.98
N GLU A 490 -8.11 34.13 -20.77
CA GLU A 490 -7.77 33.64 -22.12
C GLU A 490 -7.02 32.30 -22.07
N ALA A 491 -6.08 32.18 -21.14
CA ALA A 491 -5.32 30.94 -20.97
C ALA A 491 -6.21 29.73 -20.66
N VAL A 492 -7.23 29.95 -19.82
CA VAL A 492 -8.17 28.88 -19.47
C VAL A 492 -8.96 28.49 -20.71
N ALA A 493 -9.36 29.49 -21.51
CA ALA A 493 -10.11 29.21 -22.72
C ALA A 493 -9.30 28.37 -23.69
N VAL A 494 -7.99 28.65 -23.78
CA VAL A 494 -7.07 27.83 -24.57
C VAL A 494 -6.99 26.39 -24.03
N MET A 495 -6.90 26.24 -22.70
CA MET A 495 -6.81 24.90 -22.07
C MET A 495 -8.01 24.08 -22.51
N ARG A 496 -9.19 24.68 -22.40
CA ARG A 496 -10.44 23.99 -22.72
C ARG A 496 -10.60 23.62 -24.19
N SER A 497 -10.46 24.60 -25.07
CA SER A 497 -10.73 24.36 -26.49
C SER A 497 -9.64 23.55 -27.21
N CYS A 498 -8.42 23.59 -26.71
CA CYS A 498 -7.36 22.80 -27.32
C CYS A 498 -7.09 21.49 -26.57
N SER A 499 -7.91 21.23 -25.55
CA SER A 499 -7.77 20.03 -24.70
C SER A 499 -6.35 19.84 -24.17
N ILE A 500 -5.71 20.96 -23.77
CA ILE A 500 -4.34 20.90 -23.25
C ILE A 500 -4.36 20.23 -21.87
N LYS A 501 -3.39 19.35 -21.62
CA LYS A 501 -3.26 18.70 -20.32
C LYS A 501 -2.12 19.31 -19.53
N ALA A 502 -2.00 18.94 -18.26
CA ALA A 502 -0.83 19.31 -17.47
C ALA A 502 -0.22 18.07 -16.82
N GLU A 503 1.09 18.12 -16.62
CA GLU A 503 1.81 17.11 -15.86
C GLU A 503 2.62 17.89 -14.82
N ILE A 504 2.39 17.59 -13.55
CA ILE A 504 2.98 18.41 -12.47
C ILE A 504 3.80 17.52 -11.55
N SER A 505 5.07 17.90 -11.36
CA SER A 505 5.97 17.21 -10.45
C SER A 505 5.41 17.22 -9.04
N PRO A 506 5.56 16.11 -8.30
CA PRO A 506 5.14 16.17 -6.88
C PRO A 506 5.94 17.16 -6.06
N LEU A 507 7.16 17.48 -6.49
CA LEU A 507 7.96 18.51 -5.79
C LEU A 507 7.35 19.90 -5.94
N VAL A 508 6.49 20.08 -6.94
CA VAL A 508 5.69 21.30 -7.06
C VAL A 508 4.37 21.24 -6.31
N SER A 509 3.60 20.17 -6.52
CA SER A 509 2.24 20.09 -5.98
C SER A 509 1.87 18.66 -5.70
N VAL A 510 1.26 18.41 -4.54
CA VAL A 510 0.68 17.09 -4.25
C VAL A 510 -0.83 17.15 -4.11
N GLY A 511 -1.39 18.36 -4.00
CA GLY A 511 -2.84 18.48 -3.91
C GLY A 511 -3.45 19.65 -4.64
N GLY A 512 -2.71 20.24 -5.58
CA GLY A 512 -3.23 21.41 -6.30
C GLY A 512 -2.67 22.74 -5.83
N GLU A 513 -1.98 22.74 -4.70
CA GLU A 513 -1.31 23.94 -4.16
C GLU A 513 0.01 24.23 -4.87
N GLY A 514 0.50 25.46 -4.72
CA GLY A 514 1.87 25.75 -5.10
C GLY A 514 2.02 26.09 -6.58
N LEU A 515 0.89 26.32 -7.25
CA LEU A 515 0.91 26.57 -8.71
C LEU A 515 0.95 28.04 -9.07
N ARG A 516 0.60 28.92 -8.12
CA ARG A 516 0.49 30.35 -8.43
C ARG A 516 1.78 30.89 -9.03
N GLN A 517 2.90 30.54 -8.42
CA GLN A 517 4.23 31.00 -8.84
C GLN A 517 4.60 30.54 -10.25
N HIS A 518 3.92 29.50 -10.74
CA HIS A 518 4.21 28.94 -12.07
C HIS A 518 3.33 29.49 -13.17
N LEU A 519 2.31 30.25 -12.79
CA LEU A 519 1.34 30.74 -13.74
C LEU A 519 1.89 31.68 -14.81
N PRO A 520 2.90 32.53 -14.47
CA PRO A 520 3.39 33.38 -15.57
C PRO A 520 3.88 32.54 -16.76
N ARG A 521 4.65 31.50 -16.49
CA ARG A 521 5.22 30.65 -17.53
C ARG A 521 4.12 29.85 -18.27
N VAL A 522 3.19 29.30 -17.49
CA VAL A 522 2.04 28.55 -18.06
C VAL A 522 1.21 29.43 -18.98
N ILE A 523 0.85 30.62 -18.50
CA ILE A 523 0.08 31.55 -19.30
C ILE A 523 0.80 31.94 -20.61
N HIS A 524 2.10 32.18 -20.52
CA HIS A 524 2.93 32.53 -21.69
C HIS A 524 2.84 31.41 -22.71
N GLN A 525 3.01 30.17 -22.27
CA GLN A 525 2.92 29.01 -23.19
C GLN A 525 1.57 28.89 -23.83
N LEU A 526 0.51 29.04 -23.03
CA LEU A 526 -0.86 28.87 -23.52
C LEU A 526 -1.24 29.93 -24.55
N LEU A 527 -0.78 31.16 -24.34
CA LEU A 527 -1.12 32.22 -25.28
C LEU A 527 -0.20 32.31 -26.50
N ARG A 528 1.02 31.79 -26.40
CA ARG A 528 1.99 31.91 -27.50
C ARG A 528 2.09 30.65 -28.38
N ASN A 529 2.18 29.47 -27.74
CA ASN A 529 2.40 28.22 -28.44
C ASN A 529 2.18 27.03 -27.50
N PRO A 530 0.92 26.66 -27.26
CA PRO A 530 0.64 25.63 -26.24
C PRO A 530 1.11 24.21 -26.65
N PRO A 531 1.92 23.54 -25.80
CA PRO A 531 2.27 22.14 -26.04
C PRO A 531 1.06 21.27 -25.68
N PRO A 532 1.06 20.00 -26.13
CA PRO A 532 -0.05 19.09 -25.75
C PRO A 532 -0.19 18.95 -24.23
N VAL A 533 0.94 18.97 -23.55
CA VAL A 533 0.95 18.79 -22.07
C VAL A 533 1.90 19.82 -21.47
N ILE A 534 1.36 20.74 -20.68
CA ILE A 534 2.17 21.72 -19.94
C ILE A 534 2.90 20.96 -18.82
N PHE A 535 4.23 21.07 -18.80
CA PHE A 535 5.05 20.38 -17.81
C PHE A 535 5.47 21.37 -16.71
N ILE A 536 5.05 21.12 -15.47
CA ILE A 536 5.37 22.03 -14.34
C ILE A 536 6.29 21.27 -13.39
N ARG A 537 7.52 21.76 -13.20
CA ARG A 537 8.52 21.11 -12.35
C ARG A 537 9.35 22.16 -11.63
N ARG A 538 10.01 21.77 -10.55
CA ARG A 538 10.91 22.71 -9.85
C ARG A 538 12.14 22.97 -10.70
N ASP A 539 12.59 24.21 -10.66
CA ASP A 539 13.80 24.62 -11.37
C ASP A 539 15.02 23.73 -11.14
N ASP A 540 15.17 23.19 -9.93
CA ASP A 540 16.35 22.39 -9.61
C ASP A 540 16.26 20.89 -9.96
N GLU A 541 15.16 20.47 -10.57
CA GLU A 541 15.04 19.05 -10.98
C GLU A 541 15.92 18.74 -12.19
S SO4 B . -0.90 28.56 -4.20
O1 SO4 B . -0.99 29.92 -3.63
O2 SO4 B . -2.20 28.25 -4.83
O3 SO4 B . -0.68 27.56 -3.11
O4 SO4 B . 0.20 28.51 -5.20
OAN 9VU C . 4.03 -18.31 10.94
CAH 9VU C . 4.10 -17.17 11.45
NAG 9VU C . 5.16 -16.72 12.13
CAC 9VU C . 4.90 -15.46 12.57
CAB 9VU C . 5.68 -14.66 13.31
CAA 9VU C . 5.27 -13.39 13.74
CAF 9VU C . 3.99 -12.96 13.38
CAJ 9VU C . 3.52 -11.66 13.78
CAE 9VU C . 3.20 -13.85 12.60
BRA 9VU C . 1.50 -13.21 12.07
CAD 9VU C . 3.66 -15.07 12.20
CAI 9VU C . 3.09 -16.17 11.46
OAL 9VU C . 1.99 -16.73 12.17
CAM 9VU C . 2.50 -15.80 10.07
CAO 9VU C . 3.56 -15.37 9.03
OAP 9VU C . 4.76 -15.51 9.33
CAQ 9VU C . 3.11 -14.88 7.77
CAV 9VU C . 1.79 -14.48 7.55
CAU 9VU C . 1.39 -14.03 6.35
OAY 9VU C . 0.15 -13.60 5.97
CAX 9VU C . 0.19 -13.63 4.52
OAW 9VU C . 1.58 -13.42 4.23
CAT 9VU C . 2.23 -13.91 5.33
CAS 9VU C . 3.52 -14.25 5.47
CAR 9VU C . 3.99 -14.73 6.69
S SO4 D . 15.90 0.16 11.70
O1 SO4 D . 15.49 0.22 10.28
O2 SO4 D . 15.98 -1.26 12.16
O3 SO4 D . 14.90 0.87 12.50
O4 SO4 D . 17.26 0.73 11.84
#